data_8VV6
#
_entry.id   8VV6
#
_cell.length_a   143.158
_cell.length_b   57.675
_cell.length_c   101.027
_cell.angle_alpha   90.000
_cell.angle_beta   130.100
_cell.angle_gamma   90.000
#
_symmetry.space_group_name_H-M   'C 1 2 1'
#
loop_
_entity.id
_entity.type
_entity.pdbx_description
1 polymer FtrA
2 non-polymer GLYCEROL
3 water water
#
_entity_poly.entity_id   1
_entity_poly.type   'polypeptide(L)'
_entity_poly.pdbx_seq_one_letter_code
;AKEIPIGKPQLLGGMEIAAVYLQPIEMEPEGMMRPAKDSDVHLEADIKAAKDNTNGFAEGDWVPYLVVSYELTHLDNGKV
QKGDFMPMVANDGPHYGDNVKLDGPGKYKLKLFVSPPSANQHAHFGRAVDKETGVGPWFKPVTAEYEFVYAGTGKKGAY
;
_entity_poly.pdbx_strand_id   A,B,C,D
#
loop_
_chem_comp.id
_chem_comp.type
_chem_comp.name
_chem_comp.formula
GOL non-polymer GLYCEROL 'C3 H8 O3'
#
# COMPACT_ATOMS: atom_id res chain seq x y z
N GLU A 3 14.46 1.16 23.95
CA GLU A 3 13.59 0.24 23.21
C GLU A 3 13.49 -1.10 23.93
N ILE A 4 12.31 -1.70 23.88
CA ILE A 4 11.97 -2.88 24.67
C ILE A 4 11.72 -4.06 23.73
N PRO A 5 12.46 -5.16 23.84
CA PRO A 5 12.18 -6.32 23.00
C PRO A 5 10.89 -7.02 23.41
N ILE A 6 10.21 -7.55 22.40
CA ILE A 6 8.95 -8.27 22.55
C ILE A 6 9.21 -9.74 22.28
N GLY A 7 8.92 -10.60 23.24
CA GLY A 7 9.02 -12.03 23.00
C GLY A 7 10.42 -12.42 22.53
N LYS A 8 10.48 -13.47 21.70
CA LYS A 8 11.74 -14.01 21.22
C LYS A 8 11.80 -13.94 19.70
N PRO A 9 12.97 -13.64 19.13
CA PRO A 9 13.11 -13.73 17.67
C PRO A 9 12.81 -15.13 17.18
N GLN A 10 12.25 -15.21 15.99
CA GLN A 10 11.80 -16.47 15.43
C GLN A 10 12.37 -16.66 14.03
N LEU A 11 12.80 -17.88 13.74
CA LEU A 11 13.39 -18.23 12.45
C LEU A 11 12.26 -18.75 11.56
N LEU A 12 11.86 -17.94 10.59
CA LEU A 12 10.70 -18.22 9.75
C LEU A 12 10.97 -17.74 8.34
N GLY A 13 10.66 -18.57 7.35
CA GLY A 13 10.82 -18.19 5.96
C GLY A 13 12.23 -17.78 5.56
N GLY A 14 13.25 -18.41 6.17
CA GLY A 14 14.62 -18.05 5.87
C GLY A 14 15.09 -16.74 6.45
N MET A 15 14.37 -16.21 7.43
CA MET A 15 14.65 -14.91 8.01
C MET A 15 14.54 -15.01 9.52
N GLU A 16 15.15 -14.05 10.19
CA GLU A 16 15.01 -13.86 11.63
C GLU A 16 14.04 -12.72 11.84
N ILE A 17 12.93 -12.98 12.53
CA ILE A 17 11.84 -12.04 12.69
C ILE A 17 11.70 -11.74 14.16
N ALA A 18 12.09 -10.52 14.55
CA ALA A 18 12.01 -10.04 15.92
C ALA A 18 11.09 -8.84 15.98
N ALA A 19 10.58 -8.56 17.18
CA ALA A 19 9.70 -7.44 17.42
C ALA A 19 10.19 -6.63 18.62
N VAL A 20 10.01 -5.32 18.53
CA VAL A 20 10.43 -4.38 19.57
C VAL A 20 9.40 -3.25 19.58
N TYR A 21 9.33 -2.54 20.70
CA TYR A 21 8.63 -1.26 20.71
C TYR A 21 9.48 -0.21 21.40
N LEU A 22 9.21 1.05 21.05
CA LEU A 22 9.87 2.19 21.65
C LEU A 22 8.88 3.34 21.69
N GLN A 23 9.37 4.54 22.03
CA GLN A 23 8.50 5.71 22.04
C GLN A 23 7.99 5.96 20.62
N PRO A 24 6.85 6.63 20.48
CA PRO A 24 6.36 6.98 19.14
C PRO A 24 7.39 7.81 18.38
N ILE A 25 7.42 7.62 17.06
CA ILE A 25 8.41 8.25 16.19
C ILE A 25 7.72 9.28 15.31
N GLU A 26 8.39 10.40 15.09
CA GLU A 26 7.96 11.36 14.08
C GLU A 26 8.55 10.96 12.74
N MET A 27 7.72 10.89 11.72
CA MET A 27 8.12 10.38 10.41
C MET A 27 7.67 11.35 9.34
N GLU A 28 8.39 11.35 8.23
CA GLU A 28 7.90 11.99 7.03
C GLU A 28 7.76 10.94 5.92
N PRO A 29 6.67 10.99 5.15
CA PRO A 29 5.52 11.92 5.20
C PRO A 29 4.63 11.70 6.42
N GLU A 30 4.42 12.72 7.26
CA GLU A 30 3.80 12.50 8.55
C GLU A 30 2.37 12.01 8.43
N GLY A 31 1.65 12.44 7.40
CA GLY A 31 0.26 12.05 7.25
C GLY A 31 0.04 10.59 6.93
N MET A 32 1.12 9.82 6.77
CA MET A 32 1.02 8.41 6.44
C MET A 32 1.18 7.50 7.65
N MET A 33 1.28 8.07 8.85
CA MET A 33 1.38 7.28 10.06
C MET A 33 0.66 8.04 11.16
N ARG A 34 0.09 7.31 12.09
CA ARG A 34 -0.55 7.93 13.25
C ARG A 34 0.40 8.96 13.86
N PRO A 35 -0.05 10.18 14.15
CA PRO A 35 0.84 11.16 14.77
C PRO A 35 1.45 10.65 16.06
N ALA A 36 2.72 11.00 16.28
CA ALA A 36 3.39 10.57 17.49
C ALA A 36 2.65 11.05 18.74
N LYS A 37 2.10 12.26 18.70
CA LYS A 37 1.43 12.80 19.87
C LYS A 37 0.13 12.07 20.19
N ASP A 38 -0.43 11.33 19.24
CA ASP A 38 -1.65 10.57 19.44
C ASP A 38 -1.38 9.09 19.67
N SER A 39 -0.13 8.72 19.93
CA SER A 39 0.28 7.32 20.01
C SER A 39 0.90 7.05 21.38
N ASP A 40 0.95 5.77 21.73
CA ASP A 40 1.64 5.32 22.93
C ASP A 40 3.02 4.76 22.65
N VAL A 41 3.18 4.00 21.57
CA VAL A 41 4.44 3.36 21.22
C VAL A 41 4.62 3.37 19.72
N HIS A 42 5.87 3.16 19.29
CA HIS A 42 6.18 2.75 17.93
C HIS A 42 6.48 1.25 17.97
N LEU A 43 5.73 0.48 17.20
CA LEU A 43 5.89 -0.96 17.09
C LEU A 43 6.75 -1.26 15.85
N GLU A 44 7.74 -2.12 16.02
CA GLU A 44 8.75 -2.36 15.00
C GLU A 44 8.94 -3.85 14.80
N ALA A 45 8.90 -4.26 13.53
CA ALA A 45 9.29 -5.60 13.12
C ALA A 45 10.69 -5.52 12.54
N ASP A 46 11.61 -6.30 13.10
CA ASP A 46 13.00 -6.36 12.62
C ASP A 46 13.16 -7.69 11.89
N ILE A 47 13.29 -7.61 10.56
CA ILE A 47 13.30 -8.77 9.69
C ILE A 47 14.63 -8.77 8.96
N LYS A 48 15.46 -9.77 9.25
CA LYS A 48 16.80 -9.90 8.67
C LYS A 48 16.97 -11.28 8.06
N ALA A 49 17.77 -11.35 7.00
CA ALA A 49 18.01 -12.65 6.38
C ALA A 49 18.83 -13.54 7.30
N ALA A 50 18.46 -14.81 7.35
CA ALA A 50 19.21 -15.80 8.10
C ALA A 50 20.30 -16.39 7.22
N LYS A 51 21.07 -17.32 7.78
CA LYS A 51 22.09 -18.02 7.02
C LYS A 51 21.44 -18.84 5.91
N ASP A 52 22.15 -18.94 4.78
CA ASP A 52 21.74 -19.80 3.67
C ASP A 52 20.38 -19.40 3.12
N ASN A 53 20.12 -18.09 3.10
CA ASN A 53 18.89 -17.57 2.54
C ASN A 53 18.79 -17.92 1.06
N THR A 54 17.58 -18.30 0.64
CA THR A 54 17.34 -18.80 -0.72
C THR A 54 16.75 -17.75 -1.63
N ASN A 55 16.70 -16.49 -1.20
CA ASN A 55 16.15 -15.39 -2.01
C ASN A 55 17.23 -14.37 -2.32
N GLY A 56 18.52 -14.73 -2.22
CA GLY A 56 19.60 -13.88 -2.65
C GLY A 56 20.21 -12.98 -1.59
N PHE A 57 19.72 -13.01 -0.36
CA PHE A 57 20.20 -12.10 0.67
C PHE A 57 21.30 -12.72 1.51
N ALA A 58 22.28 -11.89 1.87
CA ALA A 58 23.33 -12.30 2.79
C ALA A 58 22.83 -12.26 4.22
N GLU A 59 23.42 -13.11 5.07
CA GLU A 59 23.02 -13.17 6.46
C GLU A 59 23.12 -11.79 7.09
N GLY A 60 22.04 -11.37 7.75
CA GLY A 60 21.99 -10.08 8.40
C GLY A 60 21.42 -8.95 7.56
N ASP A 61 21.25 -9.15 6.26
CA ASP A 61 20.66 -8.12 5.41
C ASP A 61 19.22 -7.83 5.82
N TRP A 62 18.83 -6.56 5.76
CA TRP A 62 17.40 -6.24 5.82
C TRP A 62 16.71 -6.81 4.58
N VAL A 63 15.49 -7.31 4.77
CA VAL A 63 14.72 -7.87 3.67
C VAL A 63 13.68 -6.82 3.26
N PRO A 64 13.83 -6.19 2.10
CA PRO A 64 12.93 -5.11 1.69
C PRO A 64 11.76 -5.62 0.86
N TYR A 65 10.76 -4.75 0.72
CA TYR A 65 9.61 -4.93 -0.17
C TYR A 65 8.64 -6.01 0.32
N LEU A 66 8.73 -6.37 1.59
CA LEU A 66 7.79 -7.32 2.16
C LEU A 66 6.46 -6.64 2.46
N VAL A 67 5.45 -7.48 2.66
CA VAL A 67 4.11 -7.05 3.05
C VAL A 67 3.93 -7.51 4.49
N VAL A 68 3.86 -6.57 5.42
CA VAL A 68 3.91 -6.86 6.85
C VAL A 68 2.72 -6.19 7.52
N SER A 69 1.93 -6.97 8.24
CA SER A 69 0.75 -6.49 8.97
C SER A 69 0.80 -7.04 10.39
N TYR A 70 -0.08 -6.54 11.24
CA TYR A 70 -0.09 -7.00 12.63
C TYR A 70 -1.51 -7.05 13.18
N GLU A 71 -1.66 -7.88 14.20
CA GLU A 71 -2.87 -7.93 15.03
C GLU A 71 -2.40 -7.88 16.47
N LEU A 72 -2.90 -6.90 17.23
CA LEU A 72 -2.59 -6.75 18.64
C LEU A 72 -3.84 -7.05 19.43
N THR A 73 -3.72 -7.89 20.46
CA THR A 73 -4.82 -8.18 21.35
C THR A 73 -4.42 -7.80 22.78
N HIS A 74 -5.22 -6.94 23.41
CA HIS A 74 -5.11 -6.67 24.84
C HIS A 74 -5.75 -7.86 25.55
N LEU A 75 -4.92 -8.75 26.09
CA LEU A 75 -5.45 -10.00 26.62
C LEU A 75 -6.31 -9.77 27.86
N ASP A 76 -6.11 -8.67 28.57
CA ASP A 76 -6.90 -8.41 29.77
C ASP A 76 -8.38 -8.35 29.45
N ASN A 77 -8.75 -7.67 28.35
CA ASN A 77 -10.15 -7.44 28.02
C ASN A 77 -10.55 -7.90 26.62
N GLY A 78 -9.63 -8.51 25.87
CA GLY A 78 -9.96 -9.04 24.56
C GLY A 78 -10.03 -8.04 23.44
N LYS A 79 -9.61 -6.80 23.67
CA LYS A 79 -9.68 -5.79 22.61
C LYS A 79 -8.66 -6.10 21.51
N VAL A 80 -9.15 -6.19 20.28
CA VAL A 80 -8.34 -6.52 19.12
C VAL A 80 -8.18 -5.29 18.24
N GLN A 81 -6.97 -5.12 17.71
CA GLN A 81 -6.52 -3.96 16.93
C GLN A 81 -5.70 -4.46 15.76
N LYS A 82 -6.01 -4.04 14.53
CA LYS A 82 -5.25 -4.49 13.37
C LYS A 82 -4.64 -3.32 12.62
N GLY A 83 -3.48 -3.58 12.00
CA GLY A 83 -2.85 -2.53 11.23
C GLY A 83 -1.80 -3.07 10.29
N ASP A 84 -1.17 -2.17 9.56
CA ASP A 84 -0.08 -2.49 8.65
C ASP A 84 1.18 -1.78 9.13
N PHE A 85 2.33 -2.39 8.83
CA PHE A 85 3.60 -1.69 9.01
C PHE A 85 3.97 -0.98 7.72
N MET A 86 4.68 0.12 7.87
CA MET A 86 5.28 0.69 6.68
C MET A 86 6.80 0.62 6.77
N PRO A 87 7.46 0.41 5.63
CA PRO A 87 8.92 0.43 5.62
C PRO A 87 9.44 1.85 5.78
N MET A 88 10.49 2.00 6.57
CA MET A 88 11.04 3.33 6.84
C MET A 88 12.49 3.18 7.28
N VAL A 89 13.20 4.30 7.31
CA VAL A 89 14.57 4.29 7.78
C VAL A 89 14.68 5.21 8.99
N ALA A 90 15.47 4.78 9.97
CA ALA A 90 15.79 5.57 11.14
C ALA A 90 17.31 5.56 11.33
N ASN A 91 17.83 6.14 12.42
CA ASN A 91 19.27 6.27 12.52
C ASN A 91 19.97 4.93 12.75
N ASP A 92 19.24 3.86 13.05
CA ASP A 92 19.81 2.52 13.14
C ASP A 92 19.41 1.64 11.96
N GLY A 93 19.05 2.24 10.84
CA GLY A 93 18.79 1.49 9.62
C GLY A 93 17.32 1.36 9.31
N PRO A 94 17.00 0.61 8.26
CA PRO A 94 15.60 0.42 7.88
C PRO A 94 14.88 -0.59 8.76
N HIS A 95 13.57 -0.41 8.87
CA HIS A 95 12.72 -1.35 9.58
C HIS A 95 11.29 -1.20 9.08
N TYR A 96 10.43 -2.12 9.51
CA TYR A 96 8.98 -2.03 9.30
C TYR A 96 8.35 -1.55 10.60
N GLY A 97 7.59 -0.46 10.54
CA GLY A 97 7.09 0.15 11.77
C GLY A 97 5.73 0.78 11.66
N ASP A 98 5.12 1.04 12.83
CA ASP A 98 3.85 1.74 12.92
C ASP A 98 3.74 2.37 14.30
N ASN A 99 3.23 3.60 14.35
CA ASN A 99 2.86 4.22 15.62
C ASN A 99 1.49 3.70 16.05
N VAL A 100 1.38 3.30 17.32
CA VAL A 100 0.19 2.59 17.81
C VAL A 100 -0.31 3.24 19.09
N LYS A 101 -1.64 3.39 19.17
CA LYS A 101 -2.31 3.70 20.42
C LYS A 101 -2.76 2.38 21.05
N LEU A 102 -2.28 2.11 22.25
CA LEU A 102 -2.63 0.90 22.98
C LEU A 102 -3.87 1.16 23.83
N ASP A 103 -4.20 0.19 24.70
CA ASP A 103 -5.43 0.18 25.48
C ASP A 103 -5.14 0.14 26.97
N GLY A 104 -4.02 0.73 27.38
CA GLY A 104 -3.64 0.77 28.78
C GLY A 104 -2.68 -0.32 29.17
N PRO A 105 -2.22 -0.30 30.41
CA PRO A 105 -1.29 -1.33 30.88
C PRO A 105 -1.91 -2.71 30.83
N GLY A 106 -1.05 -3.72 30.78
CA GLY A 106 -1.50 -5.09 30.82
C GLY A 106 -0.74 -5.94 29.82
N LYS A 107 -1.24 -7.15 29.63
CA LYS A 107 -0.61 -8.14 28.76
C LYS A 107 -1.21 -8.09 27.36
N TYR A 108 -0.33 -8.13 26.36
CA TYR A 108 -0.73 -8.04 24.96
C TYR A 108 -0.17 -9.23 24.19
N LYS A 109 -0.96 -9.72 23.24
CA LYS A 109 -0.49 -10.68 22.24
C LYS A 109 -0.29 -9.93 20.91
N LEU A 110 0.86 -10.16 20.28
CA LEU A 110 1.18 -9.57 18.98
C LEU A 110 1.33 -10.67 17.96
N LYS A 111 0.58 -10.59 16.86
CA LYS A 111 0.78 -11.46 15.72
C LYS A 111 1.31 -10.62 14.57
N LEU A 112 2.44 -11.03 14.02
CA LEU A 112 3.01 -10.43 12.82
C LEU A 112 2.72 -11.31 11.63
N PHE A 113 2.12 -10.73 10.59
CA PHE A 113 1.83 -11.42 9.35
C PHE A 113 2.87 -10.94 8.34
N VAL A 114 3.73 -11.84 7.88
CA VAL A 114 4.83 -11.48 6.97
C VAL A 114 4.63 -12.23 5.67
N SER A 115 4.41 -11.50 4.58
CA SER A 115 4.23 -12.08 3.27
C SER A 115 5.29 -11.57 2.31
N PRO A 116 5.58 -12.33 1.26
CA PRO A 116 6.62 -11.93 0.32
C PRO A 116 6.13 -10.83 -0.60
N PRO A 117 7.02 -10.22 -1.35
CA PRO A 117 6.59 -9.22 -2.32
C PRO A 117 5.65 -9.85 -3.35
N SER A 118 4.73 -9.03 -3.83
CA SER A 118 3.85 -9.46 -4.91
C SER A 118 4.68 -10.00 -6.07
N ALA A 119 4.18 -11.09 -6.67
CA ALA A 119 4.87 -11.76 -7.77
C ALA A 119 3.95 -11.92 -8.97
N ASN A 120 2.92 -11.07 -9.09
CA ASN A 120 1.98 -11.13 -10.20
C ASN A 120 2.01 -9.81 -10.97
N GLN A 121 0.88 -9.42 -11.56
CA GLN A 121 0.85 -8.20 -12.37
C GLN A 121 1.03 -6.93 -11.55
N HIS A 122 0.97 -7.02 -10.21
CA HIS A 122 1.19 -5.87 -9.34
C HIS A 122 2.61 -5.81 -8.78
N ALA A 123 3.53 -6.62 -9.28
CA ALA A 123 4.83 -6.78 -8.66
C ALA A 123 5.72 -5.55 -8.83
N HIS A 124 6.43 -5.19 -7.74
CA HIS A 124 7.49 -4.19 -7.77
C HIS A 124 8.86 -4.82 -7.96
N PHE A 125 9.09 -5.87 -7.18
CA PHE A 125 10.40 -6.39 -6.82
C PHE A 125 10.49 -7.76 -7.45
N GLY A 126 11.39 -7.92 -8.42
CA GLY A 126 11.45 -9.12 -9.22
C GLY A 126 12.44 -10.13 -8.69
N ARG A 127 12.32 -11.35 -9.24
CA ARG A 127 13.23 -12.46 -8.99
C ARG A 127 13.90 -12.90 -10.28
N ALA A 128 15.23 -12.98 -10.25
CA ALA A 128 15.96 -13.67 -11.33
C ALA A 128 15.76 -15.17 -11.18
N VAL A 129 15.59 -15.87 -12.32
CA VAL A 129 15.31 -17.30 -12.26
C VAL A 129 16.12 -18.12 -13.26
N ASP A 130 17.07 -17.51 -13.96
CA ASP A 130 17.84 -18.32 -14.89
C ASP A 130 18.97 -19.05 -14.17
N LYS A 131 19.69 -19.90 -14.90
CA LYS A 131 20.66 -20.79 -14.27
C LYS A 131 21.92 -20.07 -13.81
N GLU A 132 22.23 -18.89 -14.36
CA GLU A 132 23.43 -18.19 -13.93
C GLU A 132 23.20 -17.27 -12.75
N THR A 133 22.02 -16.66 -12.64
CA THR A 133 21.78 -15.62 -11.65
C THR A 133 20.60 -15.90 -10.74
N GLY A 134 19.86 -16.98 -10.97
CA GLY A 134 18.57 -17.14 -10.34
C GLY A 134 18.63 -17.52 -8.87
N VAL A 135 17.51 -17.30 -8.19
CA VAL A 135 17.34 -17.63 -6.79
C VAL A 135 16.07 -18.44 -6.59
N GLY A 136 15.91 -18.95 -5.38
CA GLY A 136 14.78 -19.79 -5.06
C GLY A 136 13.48 -18.99 -4.97
N PRO A 137 12.38 -19.71 -4.78
CA PRO A 137 11.07 -19.07 -4.71
C PRO A 137 10.89 -18.27 -3.44
N TRP A 138 10.00 -17.28 -3.52
CA TRP A 138 9.66 -16.52 -2.31
C TRP A 138 9.12 -17.46 -1.24
N PHE A 139 9.42 -17.13 0.01
CA PHE A 139 8.89 -17.88 1.14
C PHE A 139 7.37 -17.85 1.15
N LYS A 140 6.78 -18.92 1.68
CA LYS A 140 5.34 -18.89 1.92
C LYS A 140 5.02 -17.97 3.09
N PRO A 141 3.89 -17.27 3.05
CA PRO A 141 3.55 -16.35 4.14
C PRO A 141 3.64 -17.02 5.50
N VAL A 142 4.13 -16.26 6.48
CA VAL A 142 4.34 -16.77 7.83
C VAL A 142 3.64 -15.86 8.83
N THR A 143 3.40 -16.42 10.01
CA THR A 143 2.86 -15.70 11.16
C THR A 143 3.80 -15.94 12.34
N ALA A 144 4.19 -14.87 13.02
CA ALA A 144 5.03 -14.92 14.20
C ALA A 144 4.23 -14.37 15.37
N GLU A 145 4.27 -15.06 16.51
CA GLU A 145 3.49 -14.71 17.69
C GLU A 145 4.41 -14.27 18.82
N TYR A 146 3.98 -13.24 19.54
CA TYR A 146 4.72 -12.71 20.67
C TYR A 146 3.73 -12.34 21.76
N GLU A 147 4.22 -12.24 22.98
CA GLU A 147 3.44 -11.68 24.08
C GLU A 147 4.36 -10.80 24.91
N PHE A 148 3.78 -9.75 25.51
CA PHE A 148 4.54 -8.83 26.33
C PHE A 148 3.58 -8.15 27.30
N VAL A 149 4.16 -7.58 28.36
CA VAL A 149 3.44 -6.80 29.34
C VAL A 149 3.80 -5.34 29.14
N TYR A 150 2.80 -4.50 28.88
CA TYR A 150 2.99 -3.08 28.70
C TYR A 150 2.76 -2.38 30.04
N ALA A 151 3.74 -1.56 30.44
CA ALA A 151 3.67 -0.93 31.75
C ALA A 151 2.84 0.35 31.75
N GLY A 152 2.73 1.02 30.61
CA GLY A 152 1.98 2.25 30.53
C GLY A 152 2.87 3.47 30.42
N LYS B 2 30.54 -13.10 -18.08
CA LYS B 2 30.01 -12.55 -16.84
C LYS B 2 29.61 -11.08 -17.03
N GLU B 3 29.94 -10.22 -16.06
CA GLU B 3 29.50 -8.84 -16.09
C GLU B 3 30.61 -7.92 -16.58
N ILE B 4 30.21 -6.87 -17.30
CA ILE B 4 31.12 -5.90 -17.88
C ILE B 4 30.88 -4.57 -17.17
N PRO B 5 31.84 -4.05 -16.40
CA PRO B 5 31.68 -2.71 -15.83
C PRO B 5 31.76 -1.63 -16.90
N ILE B 6 30.99 -0.57 -16.69
CA ILE B 6 30.97 0.57 -17.62
C ILE B 6 31.19 1.86 -16.86
N GLY B 7 31.91 2.78 -17.48
CA GLY B 7 32.20 4.06 -16.83
C GLY B 7 32.98 3.88 -15.56
N LYS B 8 32.80 4.84 -14.64
CA LYS B 8 33.49 4.86 -13.37
C LYS B 8 32.47 4.97 -12.24
N PRO B 9 32.67 4.26 -11.12
CA PRO B 9 31.80 4.48 -9.96
C PRO B 9 31.85 5.93 -9.50
N GLN B 10 30.71 6.46 -9.07
CA GLN B 10 30.57 7.85 -8.70
C GLN B 10 29.91 7.98 -7.33
N LEU B 11 30.46 8.89 -6.52
CA LEU B 11 29.95 9.16 -5.19
C LEU B 11 28.97 10.33 -5.26
N LEU B 12 27.70 10.04 -5.05
CA LEU B 12 26.62 10.98 -5.19
C LEU B 12 25.55 10.68 -4.14
N GLY B 13 25.02 11.73 -3.52
CA GLY B 13 23.93 11.56 -2.56
C GLY B 13 24.21 10.63 -1.42
N GLY B 14 25.45 10.55 -0.95
CA GLY B 14 25.79 9.67 0.13
C GLY B 14 25.86 8.21 -0.25
N MET B 15 25.93 7.91 -1.54
CA MET B 15 26.01 6.54 -2.03
C MET B 15 27.10 6.46 -3.09
N GLU B 16 27.53 5.24 -3.36
CA GLU B 16 28.38 4.94 -4.51
C GLU B 16 27.52 4.28 -5.58
N ILE B 17 27.52 4.86 -6.77
CA ILE B 17 26.66 4.44 -7.88
C ILE B 17 27.57 3.96 -9.00
N ALA B 18 27.50 2.65 -9.27
CA ALA B 18 28.26 2.01 -10.33
C ALA B 18 27.29 1.34 -11.30
N ALA B 19 27.78 1.09 -12.52
CA ALA B 19 26.97 0.46 -13.54
C ALA B 19 27.74 -0.67 -14.21
N VAL B 20 26.99 -1.70 -14.59
CA VAL B 20 27.50 -2.86 -15.30
C VAL B 20 26.43 -3.31 -16.28
N TYR B 21 26.83 -4.16 -17.23
CA TYR B 21 25.85 -4.92 -17.98
C TYR B 21 26.30 -6.37 -18.08
N LEU B 22 25.33 -7.23 -18.32
CA LEU B 22 25.60 -8.65 -18.48
C LEU B 22 24.54 -9.24 -19.41
N GLN B 23 24.51 -10.56 -19.53
CA GLN B 23 23.52 -11.20 -20.37
C GLN B 23 22.12 -10.88 -19.87
N PRO B 24 21.11 -10.90 -20.74
CA PRO B 24 19.74 -10.71 -20.28
C PRO B 24 19.39 -11.70 -19.18
N ILE B 25 18.61 -11.27 -18.21
CA ILE B 25 18.26 -12.07 -17.05
C ILE B 25 16.81 -12.50 -17.17
N GLU B 26 16.56 -13.79 -17.08
CA GLU B 26 15.18 -14.28 -17.07
C GLU B 26 14.53 -13.94 -15.73
N MET B 27 13.37 -13.31 -15.81
CA MET B 27 12.71 -12.72 -14.65
C MET B 27 11.39 -13.41 -14.36
N GLU B 28 11.05 -13.47 -13.07
CA GLU B 28 9.73 -13.84 -12.60
C GLU B 28 9.17 -12.71 -11.75
N PRO B 29 7.96 -12.22 -12.04
CA PRO B 29 7.05 -12.57 -13.15
C PRO B 29 7.62 -12.02 -14.45
N GLU B 30 7.35 -12.64 -15.60
CA GLU B 30 7.99 -12.19 -16.83
C GLU B 30 7.57 -10.78 -17.23
N GLY B 31 6.33 -10.39 -16.90
CA GLY B 31 5.83 -9.10 -17.32
C GLY B 31 6.41 -7.90 -16.60
N MET B 32 7.34 -8.12 -15.67
CA MET B 32 7.93 -6.99 -14.96
C MET B 32 8.79 -6.14 -15.87
N MET B 33 9.32 -6.73 -16.93
CA MET B 33 10.28 -6.06 -17.79
C MET B 33 10.39 -6.87 -19.07
N ARG B 34 11.14 -6.34 -20.03
CA ARG B 34 11.26 -6.99 -21.33
C ARG B 34 11.76 -8.43 -21.14
N PRO B 35 11.17 -9.39 -21.86
CA PRO B 35 11.66 -10.77 -21.71
C PRO B 35 13.12 -10.90 -22.11
N ALA B 36 13.84 -11.78 -21.40
CA ALA B 36 15.25 -11.99 -21.68
C ALA B 36 15.47 -12.43 -23.12
N LYS B 37 14.58 -13.28 -23.64
CA LYS B 37 14.77 -13.82 -24.99
C LYS B 37 14.65 -12.73 -26.06
N ASP B 38 14.02 -11.60 -25.76
CA ASP B 38 13.88 -10.50 -26.71
C ASP B 38 14.86 -9.36 -26.42
N SER B 39 15.89 -9.62 -25.62
CA SER B 39 16.83 -8.59 -25.19
C SER B 39 18.24 -8.95 -25.59
N ASP B 40 19.11 -7.94 -25.58
CA ASP B 40 20.54 -8.10 -25.82
C ASP B 40 21.37 -8.12 -24.53
N VAL B 41 21.06 -7.25 -23.57
CA VAL B 41 21.81 -7.18 -22.33
C VAL B 41 20.85 -6.88 -21.18
N HIS B 42 21.34 -7.12 -19.97
CA HIS B 42 20.73 -6.62 -18.75
C HIS B 42 21.60 -5.47 -18.25
N LEU B 43 21.02 -4.28 -18.18
CA LEU B 43 21.69 -3.12 -17.59
C LEU B 43 21.43 -3.11 -16.09
N GLU B 44 22.46 -2.78 -15.30
CA GLU B 44 22.36 -2.87 -13.85
C GLU B 44 23.05 -1.68 -13.20
N ALA B 45 22.36 -1.09 -12.22
CA ALA B 45 22.92 -0.09 -11.34
C ALA B 45 23.21 -0.73 -9.99
N ASP B 46 24.44 -0.63 -9.53
CA ASP B 46 24.84 -1.12 -8.22
C ASP B 46 25.00 0.08 -7.30
N ILE B 47 24.07 0.23 -6.37
CA ILE B 47 23.95 1.42 -5.53
C ILE B 47 24.09 0.99 -4.08
N LYS B 48 25.16 1.45 -3.42
CA LYS B 48 25.43 1.10 -2.03
C LYS B 48 25.69 2.38 -1.24
N ALA B 49 25.40 2.34 0.05
CA ALA B 49 25.66 3.48 0.90
C ALA B 49 27.15 3.73 1.03
N ALA B 50 27.53 4.99 0.97
CA ALA B 50 28.91 5.38 1.19
C ALA B 50 29.17 5.56 2.69
N LYS B 51 30.43 5.80 3.04
CA LYS B 51 30.73 6.15 4.42
C LYS B 51 30.04 7.47 4.77
N ASP B 52 29.60 7.57 6.02
CA ASP B 52 28.93 8.78 6.52
C ASP B 52 27.73 9.17 5.65
N ASN B 53 27.05 8.16 5.11
CA ASN B 53 25.67 8.34 4.64
C ASN B 53 24.85 9.00 5.73
N THR B 54 24.02 9.97 5.35
CA THR B 54 23.23 10.72 6.32
C THR B 54 21.77 10.30 6.36
N ASN B 55 21.41 9.20 5.68
CA ASN B 55 20.03 8.75 5.64
C ASN B 55 19.82 7.42 6.37
N GLY B 56 20.74 7.02 7.26
CA GLY B 56 20.53 5.86 8.09
C GLY B 56 21.09 4.53 7.59
N PHE B 57 21.79 4.52 6.47
CA PHE B 57 22.29 3.29 5.89
C PHE B 57 23.77 3.11 6.19
N ALA B 58 24.14 1.91 6.61
CA ALA B 58 25.53 1.59 6.92
C ALA B 58 26.33 1.43 5.64
N GLU B 59 27.63 1.75 5.72
CA GLU B 59 28.49 1.67 4.55
C GLU B 59 28.40 0.27 3.92
N GLY B 60 28.22 0.25 2.60
CA GLY B 60 28.09 -1.00 1.86
C GLY B 60 26.70 -1.57 1.76
N ASP B 61 25.74 -1.05 2.53
CA ASP B 61 24.36 -1.50 2.45
C ASP B 61 23.78 -1.18 1.08
N TRP B 62 22.97 -2.09 0.55
CA TRP B 62 22.10 -1.75 -0.56
C TRP B 62 21.11 -0.69 -0.11
N VAL B 63 20.87 0.30 -0.96
CA VAL B 63 19.89 1.36 -0.66
C VAL B 63 18.60 1.00 -1.40
N PRO B 64 17.56 0.59 -0.69
CA PRO B 64 16.31 0.13 -1.32
C PRO B 64 15.32 1.26 -1.52
N TYR B 65 14.27 0.96 -2.28
CA TYR B 65 13.12 1.82 -2.56
C TYR B 65 13.49 3.08 -3.35
N LEU B 66 14.66 3.11 -3.97
CA LEU B 66 15.02 4.23 -4.83
C LEU B 66 14.21 4.22 -6.13
N VAL B 67 14.12 5.38 -6.75
CA VAL B 67 13.56 5.52 -8.10
C VAL B 67 14.73 5.74 -9.04
N VAL B 68 14.99 4.76 -9.90
CA VAL B 68 16.14 4.77 -10.80
C VAL B 68 15.60 4.72 -12.22
N SER B 69 15.84 5.79 -12.98
CA SER B 69 15.42 5.85 -14.38
C SER B 69 16.63 6.14 -15.24
N TYR B 70 16.46 5.99 -16.55
CA TYR B 70 17.62 6.10 -17.42
C TYR B 70 17.25 6.63 -18.80
N GLU B 71 18.26 7.23 -19.43
CA GLU B 71 18.29 7.52 -20.85
C GLU B 71 19.55 6.85 -21.41
N LEU B 72 19.38 5.99 -22.40
CA LEU B 72 20.49 5.30 -23.05
C LEU B 72 20.59 5.79 -24.50
N THR B 73 21.70 6.41 -24.84
CA THR B 73 21.90 6.99 -26.16
C THR B 73 22.95 6.20 -26.93
N HIS B 74 22.62 5.85 -28.17
CA HIS B 74 23.61 5.30 -29.10
C HIS B 74 24.28 6.52 -29.72
N LEU B 75 25.48 6.86 -29.24
CA LEU B 75 26.11 8.10 -29.65
C LEU B 75 26.44 8.11 -31.13
N ASP B 76 26.58 6.93 -31.75
CA ASP B 76 26.96 6.88 -33.14
C ASP B 76 25.89 7.44 -34.06
N ASN B 77 24.61 7.36 -33.67
CA ASN B 77 23.53 7.85 -34.52
C ASN B 77 22.45 8.64 -33.79
N GLY B 78 22.56 8.87 -32.48
CA GLY B 78 21.61 9.68 -31.77
C GLY B 78 20.39 8.97 -31.22
N LYS B 79 20.23 7.67 -31.43
CA LYS B 79 19.04 6.97 -30.96
C LYS B 79 19.01 6.95 -29.44
N VAL B 80 17.89 7.37 -28.85
CA VAL B 80 17.69 7.39 -27.41
C VAL B 80 16.61 6.38 -27.05
N GLN B 81 16.85 5.56 -26.02
CA GLN B 81 15.83 4.72 -25.43
C GLN B 81 15.79 4.99 -23.93
N LYS B 82 14.60 4.95 -23.36
CA LYS B 82 14.38 5.39 -22.00
C LYS B 82 13.58 4.34 -21.24
N GLY B 83 13.71 4.38 -19.91
CA GLY B 83 12.92 3.50 -19.07
C GLY B 83 13.30 3.67 -17.62
N ASP B 84 12.79 2.75 -16.80
CA ASP B 84 13.12 2.67 -15.38
C ASP B 84 13.84 1.37 -15.11
N PHE B 85 14.77 1.40 -14.16
CA PHE B 85 15.32 0.16 -13.61
C PHE B 85 14.36 -0.34 -12.54
N MET B 86 14.15 -1.62 -12.51
CA MET B 86 13.33 -2.22 -11.46
C MET B 86 14.23 -2.80 -10.38
N PRO B 87 13.81 -2.72 -9.12
CA PRO B 87 14.50 -3.48 -8.06
C PRO B 87 14.22 -4.96 -8.22
N MET B 88 15.22 -5.77 -7.88
CA MET B 88 15.11 -7.20 -8.07
C MET B 88 16.22 -7.89 -7.29
N VAL B 89 16.05 -9.18 -7.06
CA VAL B 89 17.07 -9.95 -6.37
C VAL B 89 17.60 -11.03 -7.32
N ALA B 90 18.91 -11.24 -7.25
CA ALA B 90 19.62 -12.30 -7.95
C ALA B 90 20.52 -13.01 -6.95
N ASN B 91 21.28 -14.00 -7.41
CA ASN B 91 21.99 -14.82 -6.44
C ASN B 91 23.15 -14.09 -5.78
N ASP B 92 23.57 -12.92 -6.30
CA ASP B 92 24.56 -12.11 -5.62
C ASP B 92 23.94 -10.90 -4.92
N GLY B 93 22.63 -10.93 -4.67
CA GLY B 93 21.99 -9.90 -3.89
C GLY B 93 21.07 -9.03 -4.72
N PRO B 94 20.47 -8.02 -4.08
CA PRO B 94 19.54 -7.14 -4.80
C PRO B 94 20.30 -6.13 -5.66
N HIS B 95 19.62 -5.68 -6.72
CA HIS B 95 20.13 -4.59 -7.54
C HIS B 95 18.96 -3.96 -8.29
N TYR B 96 19.26 -2.87 -8.99
CA TYR B 96 18.31 -2.21 -9.89
C TYR B 96 18.74 -2.51 -11.33
N GLY B 97 17.80 -2.97 -12.17
CA GLY B 97 18.20 -3.30 -13.53
C GLY B 97 17.07 -3.33 -14.53
N ASP B 98 17.42 -3.57 -15.80
CA ASP B 98 16.44 -3.62 -16.88
C ASP B 98 17.02 -4.42 -18.04
N ASN B 99 16.22 -5.32 -18.61
CA ASN B 99 16.57 -6.00 -19.85
C ASN B 99 16.32 -5.07 -21.03
N VAL B 100 17.30 -4.91 -21.92
CA VAL B 100 17.12 -3.99 -23.03
C VAL B 100 17.61 -4.59 -24.34
N LYS B 101 16.97 -4.16 -25.42
CA LYS B 101 17.43 -4.42 -26.78
C LYS B 101 18.27 -3.22 -27.22
N LEU B 102 19.51 -3.46 -27.62
CA LEU B 102 20.40 -2.39 -28.03
C LEU B 102 20.20 -2.10 -29.52
N ASP B 103 21.03 -1.21 -30.05
CA ASP B 103 20.91 -0.72 -31.42
C ASP B 103 22.14 -1.08 -32.25
N GLY B 104 22.77 -2.21 -31.94
CA GLY B 104 23.96 -2.63 -32.64
C GLY B 104 25.23 -2.22 -31.92
N PRO B 105 26.38 -2.68 -32.42
CA PRO B 105 27.66 -2.30 -31.79
C PRO B 105 27.92 -0.81 -31.91
N GLY B 106 28.78 -0.31 -31.02
CA GLY B 106 29.21 1.06 -31.06
C GLY B 106 29.25 1.68 -29.67
N LYS B 107 29.32 3.00 -29.66
CA LYS B 107 29.50 3.78 -28.44
C LYS B 107 28.15 4.18 -27.88
N TYR B 108 27.97 3.97 -26.58
CA TYR B 108 26.73 4.29 -25.89
C TYR B 108 27.02 5.17 -24.68
N LYS B 109 26.02 5.96 -24.30
CA LYS B 109 26.04 6.74 -23.08
C LYS B 109 24.82 6.36 -22.25
N LEU B 110 25.04 5.82 -21.06
CA LEU B 110 23.96 5.54 -20.12
C LEU B 110 23.91 6.68 -19.11
N LYS B 111 22.77 7.35 -19.02
CA LYS B 111 22.56 8.39 -18.04
C LYS B 111 21.52 7.90 -17.04
N LEU B 112 21.93 7.81 -15.77
CA LEU B 112 21.06 7.39 -14.69
C LEU B 112 20.51 8.60 -13.96
N PHE B 113 19.22 8.54 -13.63
CA PHE B 113 18.56 9.52 -12.78
C PHE B 113 18.13 8.79 -11.52
N VAL B 114 18.62 9.21 -10.36
CA VAL B 114 18.34 8.53 -9.11
C VAL B 114 17.66 9.49 -8.16
N SER B 115 16.44 9.15 -7.73
CA SER B 115 15.68 9.91 -6.75
C SER B 115 15.49 9.10 -5.48
N PRO B 116 15.29 9.76 -4.35
CA PRO B 116 15.19 9.05 -3.06
C PRO B 116 13.83 8.39 -2.89
N PRO B 117 13.69 7.56 -1.84
CA PRO B 117 12.45 6.77 -1.70
C PRO B 117 11.19 7.60 -1.54
N SER B 118 11.31 8.86 -1.16
CA SER B 118 10.12 9.71 -1.08
C SER B 118 9.45 9.88 -2.43
N ALA B 119 10.16 9.59 -3.53
CA ALA B 119 9.61 9.74 -4.87
C ALA B 119 9.05 8.44 -5.44
N ASN B 120 9.08 7.35 -4.67
CA ASN B 120 8.60 6.08 -5.18
C ASN B 120 7.08 6.09 -5.27
N GLN B 121 6.55 5.80 -6.46
CA GLN B 121 5.11 5.79 -6.69
C GLN B 121 4.55 4.38 -6.88
N HIS B 122 5.33 3.37 -6.50
CA HIS B 122 4.83 2.01 -6.38
C HIS B 122 4.85 1.52 -4.94
N ALA B 123 5.60 2.18 -4.05
CA ALA B 123 5.82 1.67 -2.71
C ALA B 123 6.26 2.80 -1.78
N HIS B 124 5.40 3.16 -0.83
CA HIS B 124 5.72 4.24 0.10
C HIS B 124 6.82 3.82 1.07
N PHE B 125 7.64 4.78 1.46
CA PHE B 125 8.79 4.53 2.33
C PHE B 125 9.03 5.77 3.17
N GLY B 126 9.09 5.60 4.49
CA GLY B 126 9.19 6.72 5.40
C GLY B 126 10.59 6.98 5.92
N ARG B 127 10.74 8.14 6.57
CA ARG B 127 12.01 8.60 7.12
C ARG B 127 11.76 9.20 8.49
N ALA B 128 12.46 8.70 9.50
CA ALA B 128 12.33 9.24 10.85
C ALA B 128 12.93 10.63 10.92
N VAL B 129 12.27 11.54 11.64
CA VAL B 129 12.68 12.94 11.64
C VAL B 129 12.68 13.55 13.04
N ASP B 130 12.52 12.73 14.07
CA ASP B 130 12.64 13.28 15.41
C ASP B 130 14.09 13.22 15.89
N LYS B 131 14.33 13.88 17.03
CA LYS B 131 15.68 14.05 17.54
C LYS B 131 16.29 12.72 17.95
N GLU B 132 15.47 11.81 18.49
CA GLU B 132 16.03 10.59 19.07
C GLU B 132 16.37 9.55 18.00
N THR B 133 15.52 9.39 16.99
CA THR B 133 15.73 8.35 15.99
C THR B 133 15.90 8.89 14.57
N GLY B 134 15.87 10.21 14.38
CA GLY B 134 15.79 10.77 13.05
C GLY B 134 17.10 10.72 12.29
N VAL B 135 16.98 10.82 10.97
CA VAL B 135 18.12 10.94 10.08
C VAL B 135 18.00 12.25 9.31
N GLY B 136 19.05 12.56 8.53
CA GLY B 136 19.08 13.76 7.74
C GLY B 136 18.13 13.67 6.57
N PRO B 137 17.89 14.81 5.92
CA PRO B 137 16.95 14.83 4.79
C PRO B 137 17.44 13.96 3.63
N TRP B 138 16.48 13.49 2.83
CA TRP B 138 16.83 12.72 1.64
C TRP B 138 17.71 13.56 0.71
N PHE B 139 18.63 12.88 0.02
CA PHE B 139 19.42 13.55 -0.99
C PHE B 139 18.51 14.11 -2.08
N LYS B 140 18.94 15.25 -2.67
CA LYS B 140 18.21 15.72 -3.84
C LYS B 140 18.59 14.86 -5.04
N PRO B 141 17.69 14.72 -6.00
CA PRO B 141 17.94 13.80 -7.13
C PRO B 141 19.28 14.07 -7.80
N VAL B 142 19.97 12.98 -8.15
CA VAL B 142 21.29 13.02 -8.75
C VAL B 142 21.25 12.35 -10.12
N THR B 143 22.21 12.71 -10.96
CA THR B 143 22.42 12.06 -12.25
C THR B 143 23.87 11.59 -12.34
N ALA B 144 24.08 10.52 -13.10
CA ALA B 144 25.41 9.96 -13.35
C ALA B 144 25.45 9.40 -14.77
N GLU B 145 26.59 9.57 -15.45
CA GLU B 145 26.75 9.07 -16.80
C GLU B 145 27.85 8.03 -16.88
N TYR B 146 27.67 7.08 -17.80
CA TYR B 146 28.57 5.95 -18.03
C TYR B 146 28.67 5.71 -19.53
N GLU B 147 29.84 5.94 -20.12
CA GLU B 147 30.05 5.73 -21.53
C GLU B 147 30.77 4.40 -21.74
N PHE B 148 30.36 3.67 -22.79
CA PHE B 148 30.94 2.37 -23.05
C PHE B 148 30.80 2.02 -24.53
N VAL B 149 31.60 1.05 -24.97
CA VAL B 149 31.57 0.53 -26.33
C VAL B 149 30.99 -0.89 -26.26
N TYR B 150 29.87 -1.09 -26.95
CA TYR B 150 29.24 -2.39 -27.03
C TYR B 150 29.76 -3.14 -28.25
N ALA B 151 30.13 -4.40 -28.06
CA ALA B 151 30.69 -5.21 -29.15
C ALA B 151 29.67 -6.14 -29.77
N GLY B 152 28.69 -6.61 -29.01
CA GLY B 152 27.78 -7.66 -29.44
C GLY B 152 27.91 -8.91 -28.58
N GLU C 3 -11.93 17.27 -18.09
CA GLU C 3 -11.24 16.00 -18.15
C GLU C 3 -11.42 15.37 -19.53
N ILE C 4 -10.47 14.53 -19.92
CA ILE C 4 -10.40 13.96 -21.26
C ILE C 4 -10.64 12.46 -21.15
N PRO C 5 -11.70 11.93 -21.76
CA PRO C 5 -11.89 10.48 -21.73
C PRO C 5 -10.87 9.75 -22.58
N ILE C 6 -10.45 8.60 -22.08
CA ILE C 6 -9.41 7.76 -22.68
C ILE C 6 -10.09 6.46 -23.13
N GLY C 7 -9.83 6.05 -24.37
CA GLY C 7 -10.36 4.77 -24.82
C GLY C 7 -11.87 4.65 -24.68
N LYS C 8 -12.32 3.43 -24.38
CA LYS C 8 -13.73 3.14 -24.21
C LYS C 8 -13.96 2.41 -22.89
N PRO C 9 -15.06 2.71 -22.19
CA PRO C 9 -15.35 1.97 -20.95
C PRO C 9 -15.55 0.49 -21.24
N GLN C 10 -15.19 -0.34 -20.26
CA GLN C 10 -15.20 -1.78 -20.45
C GLN C 10 -15.91 -2.46 -19.29
N LEU C 11 -16.77 -3.44 -19.64
CA LEU C 11 -17.48 -4.23 -18.66
C LEU C 11 -16.61 -5.42 -18.29
N LEU C 12 -16.09 -5.42 -17.06
CA LEU C 12 -15.15 -6.42 -16.59
C LEU C 12 -15.44 -6.70 -15.13
N GLY C 13 -15.46 -7.98 -14.75
CA GLY C 13 -15.61 -8.35 -13.36
C GLY C 13 -16.86 -7.83 -12.67
N GLY C 14 -17.98 -7.70 -13.41
CA GLY C 14 -19.18 -7.14 -12.84
C GLY C 14 -19.15 -5.64 -12.60
N MET C 15 -18.23 -4.95 -13.28
CA MET C 15 -18.01 -3.53 -13.07
C MET C 15 -17.87 -2.86 -14.43
N GLU C 16 -18.10 -1.55 -14.48
CA GLU C 16 -17.75 -0.75 -15.65
C GLU C 16 -16.48 0.01 -15.30
N ILE C 17 -15.45 -0.13 -16.12
CA ILE C 17 -14.14 0.43 -15.84
C ILE C 17 -13.82 1.41 -16.96
N ALA C 18 -13.80 2.70 -16.63
CA ALA C 18 -13.48 3.75 -17.58
C ALA C 18 -12.21 4.46 -17.12
N ALA C 19 -11.57 5.16 -18.05
CA ALA C 19 -10.37 5.92 -17.73
C ALA C 19 -10.49 7.32 -18.30
N VAL C 20 -9.91 8.29 -17.58
CA VAL C 20 -9.85 9.68 -18.02
C VAL C 20 -8.52 10.24 -17.52
N TYR C 21 -8.12 11.39 -18.06
CA TYR C 21 -7.03 12.14 -17.46
C TYR C 21 -7.42 13.61 -17.42
N LEU C 22 -6.77 14.33 -16.52
CA LEU C 22 -7.00 15.75 -16.36
C LEU C 22 -5.70 16.38 -15.84
N GLN C 23 -5.76 17.66 -15.50
CA GLN C 23 -4.60 18.32 -14.94
C GLN C 23 -4.17 17.63 -13.65
N PRO C 24 -2.89 17.68 -13.31
CA PRO C 24 -2.44 17.11 -12.03
C PRO C 24 -3.18 17.73 -10.86
N ILE C 25 -3.41 16.92 -9.83
CA ILE C 25 -4.12 17.39 -8.65
C ILE C 25 -3.21 17.25 -7.44
N GLU C 26 -3.54 18.00 -6.40
CA GLU C 26 -2.85 17.97 -5.12
C GLU C 26 -3.75 17.27 -4.12
N MET C 27 -3.13 16.54 -3.18
CA MET C 27 -3.83 15.61 -2.30
C MET C 27 -3.33 15.69 -0.87
N GLU C 28 -4.27 15.69 0.11
CA GLU C 28 -3.93 15.37 1.49
C GLU C 28 -4.06 13.87 1.71
N PRO C 29 -3.10 13.20 2.33
CA PRO C 29 -1.86 13.71 2.94
C PRO C 29 -0.77 13.97 1.92
N GLU C 30 -0.04 15.06 2.13
CA GLU C 30 1.12 15.35 1.31
C GLU C 30 2.12 14.21 1.41
N GLY C 31 2.70 13.84 0.27
CA GLY C 31 3.68 12.78 0.21
C GLY C 31 3.13 11.44 -0.22
N MET C 32 1.81 11.29 -0.31
CA MET C 32 1.20 10.03 -0.72
C MET C 32 1.10 9.92 -2.23
N MET C 33 0.95 11.05 -2.93
CA MET C 33 0.92 11.08 -4.37
C MET C 33 1.98 12.03 -4.92
N ARG C 34 2.48 11.70 -6.11
CA ARG C 34 3.44 12.54 -6.80
C ARG C 34 2.95 13.99 -6.83
N PRO C 35 3.80 14.95 -6.48
CA PRO C 35 3.34 16.35 -6.46
C PRO C 35 2.87 16.80 -7.84
N ALA C 36 1.84 17.65 -7.84
CA ALA C 36 1.31 18.17 -9.09
C ALA C 36 2.40 18.86 -9.92
N LYS C 37 3.30 19.58 -9.25
CA LYS C 37 4.32 20.33 -9.98
C LYS C 37 5.31 19.43 -10.71
N ASP C 38 5.44 18.16 -10.31
CA ASP C 38 6.34 17.24 -10.95
C ASP C 38 5.62 16.31 -11.95
N SER C 39 4.38 16.62 -12.32
CA SER C 39 3.56 15.73 -13.13
C SER C 39 2.99 16.48 -14.32
N ASP C 40 2.54 15.72 -15.31
CA ASP C 40 1.87 16.28 -16.49
C ASP C 40 0.36 16.12 -16.44
N VAL C 41 -0.14 14.98 -15.95
CA VAL C 41 -1.57 14.72 -15.88
C VAL C 41 -1.87 13.94 -14.59
N HIS C 42 -3.14 13.98 -14.20
CA HIS C 42 -3.71 13.02 -13.27
C HIS C 42 -4.43 11.95 -14.08
N LEU C 43 -4.01 10.70 -13.93
CA LEU C 43 -4.68 9.56 -14.54
C LEU C 43 -5.69 9.01 -13.54
N GLU C 44 -6.89 8.71 -14.04
CA GLU C 44 -8.00 8.33 -13.16
C GLU C 44 -8.72 7.13 -13.73
N ALA C 45 -8.98 6.14 -12.87
CA ALA C 45 -9.81 4.99 -13.20
C ALA C 45 -11.15 5.17 -12.50
N ASP C 46 -12.23 5.17 -13.27
CA ASP C 46 -13.58 5.27 -12.75
C ASP C 46 -14.18 3.87 -12.77
N ILE C 47 -14.38 3.28 -11.59
CA ILE C 47 -14.79 1.90 -11.44
C ILE C 47 -16.10 1.87 -10.67
N LYS C 48 -17.19 1.49 -11.35
CA LYS C 48 -18.52 1.45 -10.77
C LYS C 48 -19.12 0.06 -10.98
N ALA C 49 -19.97 -0.34 -10.06
CA ALA C 49 -20.62 -1.64 -10.18
C ALA C 49 -21.56 -1.65 -11.38
N ALA C 50 -21.56 -2.76 -12.10
CA ALA C 50 -22.48 -2.95 -13.21
C ALA C 50 -23.76 -3.62 -12.72
N LYS C 51 -24.71 -3.76 -13.65
CA LYS C 51 -26.03 -4.28 -13.31
C LYS C 51 -25.94 -5.67 -12.68
N ASP C 52 -25.06 -6.53 -13.19
CA ASP C 52 -25.02 -7.93 -12.76
C ASP C 52 -23.89 -8.19 -11.75
N ASN C 53 -23.49 -7.18 -11.00
CA ASN C 53 -22.48 -7.36 -9.96
C ASN C 53 -22.88 -8.46 -8.98
N THR C 54 -21.94 -9.34 -8.65
CA THR C 54 -22.15 -10.45 -7.75
C THR C 54 -21.53 -10.25 -6.38
N ASN C 55 -20.95 -9.08 -6.12
CA ASN C 55 -20.22 -8.84 -4.88
C ASN C 55 -20.96 -7.89 -3.94
N GLY C 56 -22.25 -7.65 -4.17
CA GLY C 56 -23.07 -6.91 -3.24
C GLY C 56 -23.24 -5.44 -3.53
N PHE C 57 -22.66 -4.92 -4.60
CA PHE C 57 -22.74 -3.51 -4.93
C PHE C 57 -23.86 -3.23 -5.90
N ALA C 58 -24.62 -2.17 -5.62
CA ALA C 58 -25.70 -1.76 -6.50
C ALA C 58 -25.16 -1.07 -7.73
N GLU C 59 -25.89 -1.19 -8.83
CA GLU C 59 -25.46 -0.63 -10.11
C GLU C 59 -25.15 0.86 -9.94
N GLY C 60 -23.94 1.26 -10.33
CA GLY C 60 -23.52 2.63 -10.25
C GLY C 60 -22.71 2.99 -9.02
N ASP C 61 -22.69 2.13 -8.00
CA ASP C 61 -21.91 2.41 -6.80
C ASP C 61 -20.42 2.34 -7.11
N TRP C 62 -19.65 3.24 -6.49
CA TRP C 62 -18.19 3.09 -6.49
C TRP C 62 -17.83 1.79 -5.79
N VAL C 63 -16.83 1.08 -6.33
CA VAL C 63 -16.36 -0.15 -5.72
C VAL C 63 -15.08 0.17 -4.94
N PRO C 64 -15.10 0.11 -3.60
CA PRO C 64 -13.95 0.52 -2.80
C PRO C 64 -13.01 -0.63 -2.48
N TYR C 65 -11.84 -0.27 -1.95
CA TYR C 65 -10.82 -1.17 -1.43
C TYR C 65 -10.22 -2.08 -2.50
N LEU C 66 -10.30 -1.67 -3.77
CA LEU C 66 -9.68 -2.47 -4.82
C LEU C 66 -8.19 -2.22 -4.89
N VAL C 67 -7.48 -3.12 -5.55
CA VAL C 67 -6.04 -3.05 -5.77
C VAL C 67 -5.86 -2.75 -7.25
N VAL C 68 -5.35 -1.55 -7.57
CA VAL C 68 -5.30 -1.05 -8.92
C VAL C 68 -3.88 -0.59 -9.23
N SER C 69 -3.28 -1.18 -10.26
CA SER C 69 -1.96 -0.82 -10.76
C SER C 69 -2.09 -0.46 -12.24
N TYR C 70 -1.02 0.14 -12.79
CA TYR C 70 -1.06 0.52 -14.20
C TYR C 70 0.30 0.35 -14.85
N GLU C 71 0.25 0.20 -16.17
CA GLU C 71 1.44 0.20 -17.02
C GLU C 71 1.15 1.17 -18.16
N LEU C 72 1.97 2.20 -18.31
CA LEU C 72 1.79 3.22 -19.32
C LEU C 72 2.96 3.14 -20.29
N THR C 73 2.65 3.01 -21.59
CA THR C 73 3.66 2.92 -22.62
C THR C 73 3.52 4.11 -23.57
N HIS C 74 4.60 4.85 -23.78
CA HIS C 74 4.68 5.81 -24.87
C HIS C 74 4.96 5.01 -26.14
N LEU C 75 3.95 4.83 -26.99
CA LEU C 75 4.10 3.92 -28.11
C LEU C 75 5.11 4.44 -29.13
N ASP C 76 5.30 5.76 -29.18
CA ASP C 76 6.23 6.33 -30.16
C ASP C 76 7.63 5.78 -29.99
N ASN C 77 8.11 5.66 -28.75
CA ASN C 77 9.47 5.22 -28.48
C ASN C 77 9.57 4.03 -27.55
N GLY C 78 8.45 3.45 -27.13
CA GLY C 78 8.46 2.26 -26.30
C GLY C 78 8.79 2.49 -24.84
N LYS C 79 8.79 3.73 -24.36
CA LYS C 79 9.08 3.98 -22.95
C LYS C 79 7.93 3.46 -22.09
N VAL C 80 8.26 2.60 -21.14
CA VAL C 80 7.27 1.97 -20.25
C VAL C 80 7.46 2.54 -18.85
N GLN C 81 6.35 2.89 -18.19
CA GLN C 81 6.39 3.25 -16.78
C GLN C 81 5.24 2.58 -16.04
N LYS C 82 5.49 2.23 -14.77
CA LYS C 82 4.57 1.45 -13.96
C LYS C 82 4.33 2.12 -12.62
N GLY C 83 3.13 1.90 -12.07
CA GLY C 83 2.83 2.45 -10.76
C GLY C 83 1.53 1.89 -10.23
N ASP C 84 1.11 2.43 -9.09
CA ASP C 84 -0.14 2.08 -8.44
C ASP C 84 -1.07 3.28 -8.43
N PHE C 85 -2.36 3.02 -8.53
CA PHE C 85 -3.36 4.04 -8.26
C PHE C 85 -3.69 4.03 -6.76
N MET C 86 -4.10 5.17 -6.26
CA MET C 86 -4.53 5.33 -4.89
C MET C 86 -5.99 5.77 -4.87
N PRO C 87 -6.76 5.35 -3.87
CA PRO C 87 -8.12 5.85 -3.70
C PRO C 87 -8.11 7.24 -3.06
N MET C 88 -9.05 8.07 -3.50
CA MET C 88 -9.16 9.45 -3.01
C MET C 88 -10.54 9.98 -3.34
N VAL C 89 -10.90 11.08 -2.68
CA VAL C 89 -12.17 11.74 -2.96
C VAL C 89 -11.87 13.13 -3.52
N ALA C 90 -12.65 13.50 -4.54
CA ALA C 90 -12.59 14.83 -5.13
C ALA C 90 -14.01 15.40 -5.15
N ASN C 91 -14.20 16.57 -5.76
CA ASN C 91 -15.52 17.19 -5.65
C ASN C 91 -16.59 16.42 -6.42
N ASP C 92 -16.22 15.47 -7.29
CA ASP C 92 -17.20 14.62 -7.96
C ASP C 92 -17.19 13.20 -7.42
N GLY C 93 -16.73 13.00 -6.20
CA GLY C 93 -16.80 11.71 -5.55
C GLY C 93 -15.46 10.98 -5.55
N PRO C 94 -15.49 9.74 -5.08
CA PRO C 94 -14.25 8.97 -5.00
C PRO C 94 -13.81 8.40 -6.34
N HIS C 95 -12.50 8.21 -6.47
CA HIS C 95 -11.93 7.54 -7.64
C HIS C 95 -10.58 6.96 -7.25
N TYR C 96 -10.00 6.20 -8.19
CA TYR C 96 -8.63 5.70 -8.10
C TYR C 96 -7.78 6.47 -9.09
N GLY C 97 -6.60 6.93 -8.67
CA GLY C 97 -5.81 7.70 -9.62
C GLY C 97 -4.37 7.87 -9.19
N ASP C 98 -3.60 8.52 -10.07
CA ASP C 98 -2.21 8.84 -9.79
C ASP C 98 -1.82 10.04 -10.65
N ASN C 99 -0.97 10.91 -10.10
CA ASN C 99 -0.28 11.92 -10.91
C ASN C 99 0.89 11.28 -11.61
N VAL C 100 1.04 11.54 -12.91
CA VAL C 100 2.12 10.94 -13.67
C VAL C 100 2.82 11.99 -14.50
N LYS C 101 4.13 11.79 -14.66
CA LYS C 101 4.95 12.54 -15.62
C LYS C 101 5.01 11.74 -16.91
N LEU C 102 4.58 12.36 -18.01
CA LEU C 102 4.56 11.70 -19.30
C LEU C 102 5.91 11.92 -19.99
N ASP C 103 5.99 11.53 -21.27
CA ASP C 103 7.22 11.55 -22.06
C ASP C 103 7.02 12.39 -23.32
N GLY C 104 6.21 13.43 -23.23
CA GLY C 104 5.95 14.30 -24.35
C GLY C 104 4.74 13.90 -25.15
N PRO C 105 4.40 14.67 -26.18
CA PRO C 105 3.23 14.35 -26.99
C PRO C 105 3.41 13.03 -27.73
N GLY C 106 2.30 12.45 -28.13
CA GLY C 106 2.32 11.23 -28.92
C GLY C 106 1.26 10.26 -28.46
N LYS C 107 1.38 9.02 -28.93
CA LYS C 107 0.42 7.97 -28.66
C LYS C 107 0.84 7.20 -27.41
N TYR C 108 -0.12 6.96 -26.52
CA TYR C 108 0.12 6.23 -25.29
C TYR C 108 -0.86 5.07 -25.18
N LYS C 109 -0.39 4.00 -24.56
CA LYS C 109 -1.24 2.86 -24.19
C LYS C 109 -1.26 2.74 -22.67
N LEU C 110 -2.45 2.73 -22.09
CA LEU C 110 -2.62 2.56 -20.65
C LEU C 110 -3.25 1.19 -20.38
N LYS C 111 -2.57 0.38 -19.58
CA LYS C 111 -3.06 -0.90 -19.13
C LYS C 111 -3.37 -0.78 -17.65
N LEU C 112 -4.61 -1.07 -17.26
CA LEU C 112 -5.04 -1.03 -15.88
C LEU C 112 -5.17 -2.46 -15.38
N PHE C 113 -4.55 -2.76 -14.24
CA PHE C 113 -4.67 -4.05 -13.58
C PHE C 113 -5.56 -3.85 -12.36
N VAL C 114 -6.75 -4.45 -12.38
CA VAL C 114 -7.74 -4.27 -11.32
C VAL C 114 -7.95 -5.61 -10.65
N SER C 115 -7.62 -5.69 -9.37
CA SER C 115 -7.79 -6.88 -8.56
C SER C 115 -8.72 -6.62 -7.39
N PRO C 116 -9.35 -7.65 -6.86
CA PRO C 116 -10.27 -7.46 -5.76
C PRO C 116 -9.52 -7.18 -4.46
N PRO C 117 -10.24 -6.76 -3.42
CA PRO C 117 -9.60 -6.56 -2.13
C PRO C 117 -8.90 -7.82 -1.67
N SER C 118 -7.78 -7.63 -0.98
CA SER C 118 -7.11 -8.75 -0.35
C SER C 118 -8.11 -9.55 0.49
N ALA C 119 -7.99 -10.87 0.44
CA ALA C 119 -8.92 -11.76 1.15
C ALA C 119 -8.17 -12.76 2.02
N ASN C 120 -6.97 -12.39 2.48
CA ASN C 120 -6.15 -13.24 3.31
C ASN C 120 -5.87 -12.56 4.65
N GLN C 121 -4.76 -12.91 5.30
CA GLN C 121 -4.46 -12.37 6.62
C GLN C 121 -4.18 -10.87 6.59
N HIS C 122 -3.99 -10.28 5.41
CA HIS C 122 -3.76 -8.85 5.26
C HIS C 122 -5.02 -8.09 4.86
N ALA C 123 -6.19 -8.73 4.93
CA ALA C 123 -7.39 -8.15 4.35
C ALA C 123 -7.80 -6.87 5.08
N HIS C 124 -8.21 -5.86 4.30
CA HIS C 124 -8.77 -4.63 4.84
C HIS C 124 -10.29 -4.59 4.78
N PHE C 125 -10.91 -5.48 4.00
CA PHE C 125 -12.31 -5.36 3.62
C PHE C 125 -12.88 -6.77 3.53
N GLY C 126 -13.96 -7.03 4.26
CA GLY C 126 -14.49 -8.37 4.36
C GLY C 126 -15.65 -8.65 3.41
N ARG C 127 -15.94 -9.95 3.25
CA ARG C 127 -17.04 -10.44 2.45
C ARG C 127 -17.91 -11.33 3.33
N ALA C 128 -19.21 -11.03 3.36
CA ALA C 128 -20.16 -11.96 3.97
C ALA C 128 -20.36 -13.17 3.08
N VAL C 129 -20.48 -14.35 3.69
CA VAL C 129 -20.57 -15.59 2.92
C VAL C 129 -21.61 -16.57 3.43
N ASP C 130 -22.53 -16.11 4.27
CA ASP C 130 -23.59 -17.02 4.70
C ASP C 130 -24.78 -16.93 3.75
N LYS C 131 -25.67 -17.93 3.82
CA LYS C 131 -26.75 -17.98 2.86
C LYS C 131 -27.73 -16.82 3.04
N GLU C 132 -27.75 -16.19 4.21
CA GLU C 132 -28.71 -15.14 4.50
C GLU C 132 -28.23 -13.79 3.95
N THR C 133 -26.96 -13.46 4.19
CA THR C 133 -26.44 -12.15 3.83
C THR C 133 -25.27 -12.21 2.84
N GLY C 134 -24.83 -13.40 2.44
CA GLY C 134 -23.59 -13.52 1.72
C GLY C 134 -23.68 -13.07 0.28
N VAL C 135 -22.50 -12.84 -0.31
CA VAL C 135 -22.36 -12.46 -1.70
C VAL C 135 -21.44 -13.47 -2.39
N GLY C 136 -21.32 -13.34 -3.70
CA GLY C 136 -20.52 -14.24 -4.48
C GLY C 136 -19.04 -13.99 -4.33
N PRO C 137 -18.24 -14.94 -4.81
CA PRO C 137 -16.78 -14.82 -4.70
C PRO C 137 -16.28 -13.58 -5.42
N TRP C 138 -15.16 -13.03 -4.92
CA TRP C 138 -14.58 -11.86 -5.56
C TRP C 138 -14.29 -12.13 -7.03
N PHE C 139 -14.50 -11.12 -7.85
CA PHE C 139 -14.19 -11.21 -9.26
C PHE C 139 -12.73 -11.60 -9.46
N LYS C 140 -12.46 -12.28 -10.56
CA LYS C 140 -11.08 -12.58 -10.90
C LYS C 140 -10.40 -11.33 -11.45
N PRO C 141 -9.10 -11.18 -11.20
CA PRO C 141 -8.40 -9.97 -11.64
C PRO C 141 -8.57 -9.74 -13.13
N VAL C 142 -8.74 -8.46 -13.50
CA VAL C 142 -8.97 -8.07 -14.88
C VAL C 142 -7.90 -7.08 -15.33
N THR C 143 -7.76 -6.97 -16.64
CA THR C 143 -6.87 -6.03 -17.30
C THR C 143 -7.70 -5.25 -18.32
N ALA C 144 -7.64 -3.93 -18.24
CA ALA C 144 -8.33 -3.05 -19.17
C ALA C 144 -7.30 -2.21 -19.91
N GLU C 145 -7.48 -2.07 -21.23
CA GLU C 145 -6.53 -1.35 -22.07
C GLU C 145 -7.18 -0.11 -22.68
N TYR C 146 -6.40 0.95 -22.79
CA TYR C 146 -6.86 2.22 -23.33
C TYR C 146 -5.73 2.89 -24.09
N GLU C 147 -6.01 3.29 -25.34
CA GLU C 147 -5.06 4.04 -26.14
C GLU C 147 -5.56 5.47 -26.31
N PHE C 148 -4.63 6.43 -26.30
CA PHE C 148 -4.99 7.83 -26.46
C PHE C 148 -3.78 8.58 -27.01
N VAL C 149 -4.05 9.80 -27.46
CA VAL C 149 -3.02 10.71 -27.97
C VAL C 149 -2.93 11.88 -27.02
N TYR C 150 -1.74 12.12 -26.50
CA TYR C 150 -1.46 13.24 -25.61
C TYR C 150 -0.90 14.39 -26.45
N ALA C 151 -1.48 15.57 -26.28
CA ALA C 151 -1.10 16.73 -27.08
C ALA C 151 0.05 17.52 -26.48
N GLY C 152 0.14 17.60 -25.15
CA GLY C 152 1.23 18.31 -24.50
C GLY C 152 0.77 19.51 -23.70
N GLU D 3 -33.18 -7.54 10.96
CA GLU D 3 -32.27 -6.74 11.77
C GLU D 3 -33.04 -5.80 12.70
N ILE D 4 -32.41 -5.43 13.80
CA ILE D 4 -33.03 -4.66 14.87
C ILE D 4 -32.37 -3.29 14.92
N PRO D 5 -33.09 -2.19 14.65
CA PRO D 5 -32.51 -0.86 14.84
C PRO D 5 -32.36 -0.53 16.31
N ILE D 6 -31.32 0.23 16.64
CA ILE D 6 -31.04 0.63 18.00
C ILE D 6 -30.78 2.14 18.07
N GLY D 7 -31.24 2.76 19.15
CA GLY D 7 -31.11 4.19 19.30
C GLY D 7 -31.79 4.93 18.17
N LYS D 8 -31.25 6.11 17.85
CA LYS D 8 -31.80 6.96 16.80
C LYS D 8 -30.69 7.35 15.83
N PRO D 9 -30.99 7.44 14.53
CA PRO D 9 -30.01 7.97 13.59
C PRO D 9 -29.61 9.40 13.94
N GLN D 10 -28.33 9.71 13.77
CA GLN D 10 -27.79 11.01 14.15
C GLN D 10 -27.01 11.64 13.02
N LEU D 11 -27.24 12.95 12.84
CA LEU D 11 -26.54 13.74 11.83
C LEU D 11 -25.27 14.31 12.43
N LEU D 12 -24.12 13.85 11.94
CA LEU D 12 -22.82 14.21 12.49
C LEU D 12 -21.79 14.22 11.36
N GLY D 13 -20.94 15.24 11.35
CA GLY D 13 -19.82 15.29 10.43
C GLY D 13 -20.21 15.21 8.97
N GLY D 14 -21.36 15.78 8.60
CA GLY D 14 -21.82 15.72 7.23
C GLY D 14 -22.39 14.39 6.82
N MET D 15 -22.71 13.52 7.80
CA MET D 15 -23.16 12.17 7.55
C MET D 15 -24.37 11.87 8.44
N GLU D 16 -25.10 10.81 8.07
CA GLU D 16 -26.13 10.24 8.92
C GLU D 16 -25.60 8.91 9.43
N ILE D 17 -25.52 8.76 10.75
CA ILE D 17 -24.93 7.59 11.37
C ILE D 17 -26.03 6.87 12.16
N ALA D 18 -26.38 5.68 11.71
CA ALA D 18 -27.39 4.83 12.34
C ALA D 18 -26.74 3.52 12.74
N ALA D 19 -27.37 2.83 13.68
CA ALA D 19 -26.86 1.55 14.17
C ALA D 19 -27.98 0.51 14.21
N VAL D 20 -27.59 -0.74 13.95
CA VAL D 20 -28.48 -1.89 14.00
C VAL D 20 -27.68 -3.08 14.50
N TYR D 21 -28.38 -4.16 14.88
CA TYR D 21 -27.72 -5.43 15.04
C TYR D 21 -28.56 -6.52 14.38
N LEU D 22 -27.92 -7.62 14.07
CA LEU D 22 -28.60 -8.77 13.50
C LEU D 22 -27.84 -10.03 13.90
N GLN D 23 -28.23 -11.16 13.33
CA GLN D 23 -27.52 -12.40 13.64
C GLN D 23 -26.05 -12.29 13.23
N PRO D 24 -25.18 -13.06 13.88
CA PRO D 24 -23.77 -13.05 13.48
C PRO D 24 -23.61 -13.41 12.00
N ILE D 25 -22.65 -12.76 11.34
CA ILE D 25 -22.42 -12.93 9.92
C ILE D 25 -21.16 -13.76 9.71
N GLU D 26 -21.27 -14.86 8.97
CA GLU D 26 -20.08 -15.62 8.61
C GLU D 26 -19.28 -14.85 7.56
N MET D 27 -17.98 -14.73 7.81
CA MET D 27 -17.13 -13.82 7.05
C MET D 27 -15.97 -14.53 6.38
N GLU D 28 -15.55 -13.97 5.25
CA GLU D 28 -14.33 -14.35 4.58
C GLU D 28 -13.47 -13.09 4.42
N PRO D 29 -12.21 -13.11 4.83
CA PRO D 29 -11.49 -14.21 5.52
C PRO D 29 -11.93 -14.34 6.97
N GLU D 30 -12.00 -15.56 7.53
CA GLU D 30 -12.51 -15.71 8.89
C GLU D 30 -11.68 -14.93 9.91
N GLY D 31 -10.38 -14.87 9.74
CA GLY D 31 -9.56 -14.30 10.79
C GLY D 31 -9.69 -12.80 10.96
N MET D 32 -10.55 -12.13 10.18
CA MET D 32 -10.62 -10.68 10.29
C MET D 32 -11.54 -10.20 11.40
N MET D 33 -12.37 -11.09 11.97
CA MET D 33 -13.28 -10.71 13.05
C MET D 33 -13.73 -12.01 13.71
N ARG D 34 -14.36 -11.86 14.87
CA ARG D 34 -14.77 -13.02 15.64
C ARG D 34 -15.62 -13.94 14.79
N PRO D 35 -15.39 -15.26 14.82
CA PRO D 35 -16.21 -16.15 13.99
C PRO D 35 -17.68 -16.09 14.40
N ALA D 36 -18.55 -16.16 13.40
CA ALA D 36 -19.98 -16.08 13.65
C ALA D 36 -20.43 -17.12 14.67
N LYS D 37 -19.86 -18.32 14.60
CA LYS D 37 -20.30 -19.40 15.48
C LYS D 37 -20.02 -19.12 16.95
N ASP D 38 -19.06 -18.26 17.26
CA ASP D 38 -18.74 -17.90 18.63
C ASP D 38 -19.34 -16.55 19.05
N SER D 39 -20.32 -16.05 18.32
CA SER D 39 -20.89 -14.73 18.56
C SER D 39 -22.40 -14.81 18.81
N ASP D 40 -22.93 -13.77 19.42
CA ASP D 40 -24.36 -13.60 19.64
C ASP D 40 -25.02 -12.72 18.59
N VAL D 41 -24.38 -11.61 18.21
CA VAL D 41 -24.95 -10.69 17.24
C VAL D 41 -23.85 -10.11 16.35
N HIS D 42 -24.28 -9.52 15.25
CA HIS D 42 -23.44 -8.66 14.42
C HIS D 42 -23.89 -7.23 14.66
N LEU D 43 -23.00 -6.40 15.19
CA LEU D 43 -23.25 -4.96 15.32
C LEU D 43 -22.85 -4.27 14.03
N GLU D 44 -23.65 -3.29 13.61
CA GLU D 44 -23.46 -2.63 12.33
C GLU D 44 -23.72 -1.14 12.44
N ALA D 45 -22.81 -0.34 11.88
CA ALA D 45 -22.99 1.09 11.72
C ALA D 45 -23.30 1.36 10.26
N ASP D 46 -24.42 2.02 10.01
CA ASP D 46 -24.83 2.42 8.66
C ASP D 46 -24.55 3.91 8.53
N ILE D 47 -23.54 4.25 7.74
CA ILE D 47 -23.02 5.60 7.64
C ILE D 47 -23.12 6.04 6.18
N LYS D 48 -23.94 7.06 5.94
CA LYS D 48 -24.24 7.58 4.61
C LYS D 48 -24.00 9.08 4.61
N ALA D 49 -23.64 9.62 3.46
CA ALA D 49 -23.44 11.06 3.36
C ALA D 49 -24.77 11.79 3.47
N ALA D 50 -24.76 12.91 4.18
CA ALA D 50 -25.94 13.76 4.31
C ALA D 50 -25.95 14.82 3.22
N LYS D 51 -27.09 15.52 3.13
CA LYS D 51 -27.23 16.61 2.17
C LYS D 51 -26.11 17.62 2.35
N ASP D 52 -25.61 18.14 1.23
CA ASP D 52 -24.58 19.18 1.24
C ASP D 52 -23.36 18.76 2.05
N ASN D 53 -23.04 17.46 2.03
CA ASN D 53 -21.74 16.99 2.49
C ASN D 53 -20.63 17.79 1.84
N THR D 54 -19.61 18.14 2.63
CA THR D 54 -18.53 19.00 2.14
C THR D 54 -17.25 18.24 1.83
N ASN D 55 -17.29 16.90 1.83
CA ASN D 55 -16.10 16.11 1.58
C ASN D 55 -16.19 15.30 0.29
N GLY D 56 -17.12 15.67 -0.60
CA GLY D 56 -17.17 15.12 -1.93
C GLY D 56 -18.15 14.00 -2.16
N PHE D 57 -18.91 13.61 -1.15
CA PHE D 57 -19.81 12.47 -1.25
C PHE D 57 -21.24 12.93 -1.49
N ALA D 58 -21.90 12.27 -2.42
CA ALA D 58 -23.29 12.58 -2.75
C ALA D 58 -24.23 12.02 -1.68
N GLU D 59 -25.34 12.72 -1.47
CA GLU D 59 -26.26 12.35 -0.41
C GLU D 59 -26.72 10.91 -0.61
N GLY D 60 -26.65 10.12 0.46
CA GLY D 60 -27.00 8.72 0.42
C GLY D 60 -25.86 7.78 0.11
N ASP D 61 -24.72 8.28 -0.36
CA ASP D 61 -23.57 7.44 -0.65
C ASP D 61 -23.03 6.83 0.65
N TRP D 62 -22.58 5.58 0.57
CA TRP D 62 -21.75 5.04 1.64
C TRP D 62 -20.45 5.82 1.71
N VAL D 63 -20.04 6.18 2.93
CA VAL D 63 -18.77 6.87 3.16
C VAL D 63 -17.72 5.82 3.48
N PRO D 64 -16.78 5.55 2.58
CA PRO D 64 -15.78 4.50 2.79
C PRO D 64 -14.52 5.03 3.49
N TYR D 65 -13.67 4.08 3.90
CA TYR D 65 -12.35 4.33 4.47
C TYR D 65 -12.41 5.08 5.81
N LEU D 66 -13.56 5.09 6.47
CA LEU D 66 -13.65 5.67 7.81
C LEU D 66 -12.99 4.75 8.84
N VAL D 67 -12.60 5.33 9.96
CA VAL D 67 -12.13 4.58 11.12
C VAL D 67 -13.26 4.58 12.14
N VAL D 68 -13.87 3.42 12.34
CA VAL D 68 -15.04 3.29 13.20
C VAL D 68 -14.66 2.37 14.35
N SER D 69 -14.69 2.89 15.58
CA SER D 69 -14.40 2.10 16.76
C SER D 69 -15.56 2.22 17.73
N TYR D 70 -15.57 1.34 18.74
CA TYR D 70 -16.72 1.31 19.63
C TYR D 70 -16.33 0.93 21.05
N GLU D 71 -17.18 1.38 21.96
CA GLU D 71 -17.23 0.88 23.33
C GLU D 71 -18.66 0.41 23.57
N LEU D 72 -18.83 -0.83 23.99
CA LEU D 72 -20.15 -1.40 24.28
C LEU D 72 -20.22 -1.70 25.77
N THR D 73 -21.15 -1.06 26.47
CA THR D 73 -21.28 -1.23 27.92
C THR D 73 -22.59 -1.93 28.24
N HIS D 74 -22.51 -2.99 29.05
CA HIS D 74 -23.67 -3.64 29.65
C HIS D 74 -24.02 -2.81 30.87
N LEU D 75 -25.07 -1.98 30.75
CA LEU D 75 -25.36 -1.00 31.79
C LEU D 75 -25.77 -1.67 33.09
N ASP D 76 -26.29 -2.89 33.02
CA ASP D 76 -26.78 -3.56 34.23
C ASP D 76 -25.65 -3.85 35.20
N ASN D 77 -24.43 -4.12 34.70
CA ASN D 77 -23.33 -4.47 35.58
C ASN D 77 -22.00 -3.77 35.28
N GLY D 78 -21.94 -2.89 34.29
CA GLY D 78 -20.75 -2.12 34.05
C GLY D 78 -19.72 -2.74 33.11
N LYS D 79 -19.97 -3.94 32.60
CA LYS D 79 -19.00 -4.61 31.74
C LYS D 79 -18.85 -3.86 30.43
N VAL D 80 -17.61 -3.54 30.06
CA VAL D 80 -17.30 -2.83 28.83
C VAL D 80 -16.51 -3.76 27.92
N GLN D 81 -16.89 -3.79 26.64
CA GLN D 81 -16.11 -4.45 25.61
C GLN D 81 -15.85 -3.45 24.49
N LYS D 82 -14.67 -3.53 23.90
CA LYS D 82 -14.20 -2.54 22.94
C LYS D 82 -13.70 -3.24 21.68
N GLY D 83 -13.72 -2.51 20.58
CA GLY D 83 -13.10 -2.99 19.37
C GLY D 83 -13.24 -1.99 18.24
N ASP D 84 -12.95 -2.45 17.04
CA ASP D 84 -13.13 -1.68 15.82
C ASP D 84 -14.18 -2.37 14.95
N PHE D 85 -14.96 -1.58 14.22
CA PHE D 85 -15.81 -2.11 13.17
C PHE D 85 -14.97 -2.23 11.90
N MET D 86 -15.11 -3.36 11.21
CA MET D 86 -14.43 -3.51 9.93
C MET D 86 -15.36 -3.17 8.78
N PRO D 87 -14.81 -2.60 7.71
CA PRO D 87 -15.60 -2.44 6.48
C PRO D 87 -15.76 -3.79 5.79
N MET D 88 -16.93 -4.00 5.21
CA MET D 88 -17.26 -5.28 4.60
C MET D 88 -18.46 -5.07 3.69
N VAL D 89 -18.71 -6.06 2.83
CA VAL D 89 -19.85 -6.00 1.93
C VAL D 89 -20.72 -7.22 2.16
N ALA D 90 -22.03 -7.01 2.12
CA ALA D 90 -23.02 -8.08 2.19
C ALA D 90 -24.02 -7.89 1.06
N ASN D 91 -25.10 -8.69 1.04
CA ASN D 91 -25.97 -8.62 -0.12
C ASN D 91 -26.78 -7.34 -0.18
N ASP D 92 -26.80 -6.53 0.89
CA ASP D 92 -27.42 -5.22 0.84
C ASP D 92 -26.39 -4.08 0.81
N GLY D 93 -25.17 -4.38 0.35
CA GLY D 93 -24.17 -3.36 0.17
C GLY D 93 -23.15 -3.31 1.28
N PRO D 94 -22.25 -2.34 1.22
CA PRO D 94 -21.19 -2.23 2.22
C PRO D 94 -21.70 -1.65 3.54
N HIS D 95 -21.03 -2.04 4.63
CA HIS D 95 -21.26 -1.44 5.93
C HIS D 95 -20.03 -1.64 6.80
N TYR D 96 -20.05 -1.04 7.99
CA TYR D 96 -19.03 -1.22 9.02
C TYR D 96 -19.64 -2.09 10.11
N GLY D 97 -18.95 -3.16 10.51
CA GLY D 97 -19.57 -4.03 11.50
C GLY D 97 -18.60 -4.89 12.29
N ASP D 98 -19.15 -5.61 13.27
CA ASP D 98 -18.36 -6.52 14.08
C ASP D 98 -19.24 -7.61 14.68
N ASN D 99 -18.76 -8.84 14.62
CA ASN D 99 -19.39 -9.95 15.35
C ASN D 99 -18.97 -9.88 16.81
N VAL D 100 -19.94 -9.93 17.73
CA VAL D 100 -19.61 -9.83 19.14
C VAL D 100 -20.37 -10.88 19.96
N LYS D 101 -19.71 -11.32 21.02
CA LYS D 101 -20.36 -12.08 22.08
C LYS D 101 -20.83 -11.09 23.14
N LEU D 102 -22.11 -11.12 23.47
CA LEU D 102 -22.68 -10.19 24.44
C LEU D 102 -22.56 -10.79 25.84
N ASP D 103 -23.18 -10.12 26.82
CA ASP D 103 -23.04 -10.46 28.23
C ASP D 103 -24.39 -10.79 28.85
N GLY D 104 -25.28 -11.37 28.05
CA GLY D 104 -26.60 -11.74 28.51
C GLY D 104 -27.62 -10.66 28.24
N PRO D 105 -28.88 -10.93 28.58
CA PRO D 105 -29.94 -9.95 28.32
C PRO D 105 -29.79 -8.73 29.21
N GLY D 106 -30.38 -7.64 28.74
CA GLY D 106 -30.44 -6.43 29.53
C GLY D 106 -30.16 -5.21 28.71
N LYS D 107 -29.86 -4.12 29.40
CA LYS D 107 -29.68 -2.81 28.79
C LYS D 107 -28.22 -2.60 28.41
N TYR D 108 -28.00 -2.11 27.20
CA TYR D 108 -26.66 -1.87 26.67
C TYR D 108 -26.58 -0.46 26.11
N LYS D 109 -25.37 0.08 26.14
CA LYS D 109 -25.04 1.34 25.47
C LYS D 109 -23.92 1.09 24.48
N LEU D 110 -24.19 1.34 23.20
CA LEU D 110 -23.16 1.32 22.16
C LEU D 110 -22.70 2.75 21.92
N LYS D 111 -21.41 3.00 22.08
CA LYS D 111 -20.81 4.29 21.77
C LYS D 111 -19.89 4.11 20.58
N LEU D 112 -20.19 4.82 19.49
CA LEU D 112 -19.38 4.79 18.28
C LEU D 112 -18.45 5.99 18.26
N PHE D 113 -17.21 5.75 17.81
CA PHE D 113 -16.21 6.78 17.58
C PHE D 113 -15.88 6.73 16.09
N VAL D 114 -16.09 7.83 15.38
CA VAL D 114 -15.93 7.87 13.92
C VAL D 114 -14.93 8.96 13.57
N SER D 115 -13.81 8.56 12.96
CA SER D 115 -12.76 9.46 12.49
C SER D 115 -12.69 9.43 10.97
N PRO D 116 -12.25 10.52 10.34
CA PRO D 116 -12.26 10.59 8.88
C PRO D 116 -11.17 9.73 8.28
N PRO D 117 -11.18 9.57 6.95
CA PRO D 117 -10.18 8.68 6.32
C PRO D 117 -8.75 9.16 6.47
N SER D 118 -8.53 10.44 6.77
CA SER D 118 -7.18 10.90 7.06
C SER D 118 -6.61 10.21 8.29
N ALA D 119 -7.47 9.71 9.18
CA ALA D 119 -7.02 8.96 10.35
C ALA D 119 -6.82 7.48 10.05
N ASN D 120 -7.11 7.04 8.83
CA ASN D 120 -6.99 5.63 8.46
C ASN D 120 -5.55 5.36 8.04
N GLN D 121 -4.80 4.68 8.91
CA GLN D 121 -3.44 4.26 8.60
C GLN D 121 -3.38 2.80 8.15
N HIS D 122 -4.49 2.06 8.28
CA HIS D 122 -4.59 0.73 7.68
C HIS D 122 -4.74 0.82 6.17
N ALA D 123 -5.75 1.56 5.71
CA ALA D 123 -6.08 1.71 4.30
C ALA D 123 -6.04 3.20 3.97
N HIS D 124 -4.95 3.64 3.36
CA HIS D 124 -4.76 5.07 3.11
C HIS D 124 -5.72 5.58 2.03
N PHE D 125 -6.14 6.82 2.19
CA PHE D 125 -7.19 7.40 1.35
C PHE D 125 -6.97 8.89 1.26
N GLY D 126 -6.89 9.41 0.03
CA GLY D 126 -6.57 10.81 -0.17
C GLY D 126 -7.77 11.72 -0.29
N ARG D 127 -7.51 13.02 -0.16
CA ARG D 127 -8.51 14.07 -0.30
C ARG D 127 -7.94 15.14 -1.22
N ALA D 128 -8.62 15.41 -2.33
CA ALA D 128 -8.14 16.45 -3.25
C ALA D 128 -8.26 17.82 -2.60
N VAL D 129 -7.23 18.66 -2.81
CA VAL D 129 -7.20 19.99 -2.18
C VAL D 129 -6.86 21.11 -3.16
N ASP D 130 -6.90 20.83 -4.45
CA ASP D 130 -6.64 21.88 -5.42
C ASP D 130 -7.93 22.64 -5.74
N LYS D 131 -7.79 23.74 -6.49
CA LYS D 131 -8.93 24.60 -6.72
C LYS D 131 -9.97 23.98 -7.63
N GLU D 132 -9.54 23.19 -8.61
CA GLU D 132 -10.49 22.68 -9.58
C GLU D 132 -11.26 21.49 -9.03
N THR D 133 -10.59 20.58 -8.34
CA THR D 133 -11.19 19.34 -7.90
C THR D 133 -11.30 19.19 -6.38
N GLY D 134 -10.79 20.15 -5.61
CA GLY D 134 -10.66 19.97 -4.19
C GLY D 134 -11.98 20.01 -3.44
N VAL D 135 -11.96 19.50 -2.22
CA VAL D 135 -13.11 19.48 -1.32
C VAL D 135 -12.68 20.11 0.00
N GLY D 136 -13.66 20.29 0.89
CA GLY D 136 -13.41 20.89 2.17
C GLY D 136 -12.67 19.96 3.11
N PRO D 137 -12.14 20.50 4.21
CA PRO D 137 -11.38 19.67 5.15
C PRO D 137 -12.24 18.58 5.75
N TRP D 138 -11.58 17.47 6.10
CA TRP D 138 -12.29 16.36 6.71
C TRP D 138 -13.02 16.81 7.97
N PHE D 139 -14.13 16.15 8.27
CA PHE D 139 -14.84 16.41 9.51
C PHE D 139 -13.97 16.12 10.72
N LYS D 140 -14.23 16.83 11.81
CA LYS D 140 -13.59 16.51 13.07
C LYS D 140 -14.21 15.23 13.63
N PRO D 141 -13.43 14.38 14.29
CA PRO D 141 -13.97 13.11 14.80
C PRO D 141 -15.22 13.33 15.65
N VAL D 142 -16.17 12.41 15.52
CA VAL D 142 -17.45 12.51 16.19
C VAL D 142 -17.71 11.23 17.00
N THR D 143 -18.66 11.35 17.92
CA THR D 143 -19.14 10.21 18.71
C THR D 143 -20.67 10.21 18.71
N ALA D 144 -21.24 9.02 18.86
CA ALA D 144 -22.67 8.83 18.86
C ALA D 144 -23.00 7.64 19.74
N GLU D 145 -24.07 7.74 20.53
CA GLU D 145 -24.48 6.70 21.44
C GLU D 145 -25.83 6.14 21.04
N TYR D 146 -26.01 4.84 21.34
CA TYR D 146 -27.21 4.10 20.99
C TYR D 146 -27.49 3.14 22.15
N GLU D 147 -28.59 3.34 22.86
CA GLU D 147 -28.98 2.47 23.96
C GLU D 147 -30.08 1.51 23.50
N PHE D 148 -30.01 0.26 23.96
CA PHE D 148 -30.97 -0.73 23.55
C PHE D 148 -31.07 -1.82 24.61
N VAL D 149 -32.18 -2.56 24.56
CA VAL D 149 -32.40 -3.71 25.44
C VAL D 149 -32.24 -4.97 24.59
N TYR D 150 -31.32 -5.84 25.00
CA TYR D 150 -31.08 -7.10 24.33
C TYR D 150 -31.89 -8.20 25.01
N ALA D 151 -32.69 -8.90 24.22
CA ALA D 151 -33.46 -10.03 24.73
C ALA D 151 -32.64 -11.31 24.61
C1 GOL E . 11.11 0.68 -21.49
O1 GOL E . 10.76 0.27 -22.77
C2 GOL E . 12.35 -0.14 -21.05
O2 GOL E . 12.18 -0.62 -19.74
C3 GOL E . 12.66 -1.29 -22.05
O3 GOL E . 11.76 -2.36 -21.84
H11 GOL E . 10.39 0.55 -20.85
H12 GOL E . 11.32 1.63 -21.45
HO1 GOL E . 10.87 0.93 -23.28
H2 GOL E . 13.13 0.47 -21.07
HO2 GOL E . 11.68 -1.33 -19.80
H31 GOL E . 13.59 -1.55 -21.93
H32 GOL E . 12.62 -0.93 -22.94
HO3 GOL E . 10.98 -2.07 -22.02
C1 GOL F . -14.43 -8.62 19.11
O1 GOL F . -14.09 -9.81 18.53
C2 GOL F . -13.23 -7.68 18.76
O2 GOL F . -13.61 -6.75 17.82
C3 GOL F . -12.78 -7.18 20.12
O3 GOL F . -11.90 -6.14 19.93
H11 GOL F . -14.54 -8.67 20.07
H12 GOL F . -15.26 -8.24 18.76
HO1 GOL F . -14.52 -10.40 18.97
H2 GOL F . -12.49 -8.12 18.32
HO2 GOL F . -13.81 -6.04 18.23
H31 GOL F . -12.39 -7.92 20.60
H32 GOL F . -13.56 -6.92 20.63
HO3 GOL F . -12.12 -5.77 19.19
#